data_3RF4
#
_entry.id   3RF4
#
_cell.length_a   86.690
_cell.length_b   86.690
_cell.length_c   115.481
_cell.angle_alpha   90.00
_cell.angle_beta   90.00
_cell.angle_gamma   120.00
#
_symmetry.space_group_name_H-M   'P 31 2 1'
#
loop_
_entity.id
_entity.type
_entity.pdbx_description
1 polymer 'Macrophage migration inhibitory factor'
2 non-polymer '5-(AMINOSULFONYL)-4-CHLORO-2-[(2-FURYLMETHYL)AMINO]BENZOIC ACID'
3 non-polymer IMIDAZOLE
4 non-polymer 'ZINC ION'
5 non-polymer 'ACETATE ION'
6 water water
#
_entity_poly.entity_id   1
_entity_poly.type   'polypeptide(L)'
_entity_poly.pdbx_seq_one_letter_code
;PMVRVATNLPDKDVPANFEERLTDLLAESMNKPRNRIAIEVLAGQRITHGASRNPVAVIKVESIGALSADDNIRHTQKIT
QFCQDTLKLPKDKVIITYFDLQPIHVGFNGTTVAAA
;
_entity_poly.pdbx_strand_id   A,B,C
#
loop_
_chem_comp.id
_chem_comp.type
_chem_comp.name
_chem_comp.formula
ACT non-polymer 'ACETATE ION' 'C2 H3 O2 -1'
FUN non-polymer '5-(AMINOSULFONYL)-4-CHLORO-2-[(2-FURYLMETHYL)AMINO]BENZOIC ACID' 'C12 H11 Cl N2 O5 S'
IMD non-polymer IMIDAZOLE 'C3 H5 N2 1'
ZN non-polymer 'ZINC ION' 'Zn 2'
#
# COMPACT_ATOMS: atom_id res chain seq x y z
N PRO A 1 7.36 7.85 -10.45
CA PRO A 1 6.90 6.52 -10.10
C PRO A 1 7.23 6.22 -8.63
N MET A 2 6.33 5.49 -7.97
CA MET A 2 6.53 5.14 -6.60
C MET A 2 6.22 3.62 -6.63
N VAL A 3 7.22 2.81 -6.25
CA VAL A 3 7.06 1.36 -6.54
C VAL A 3 7.22 0.68 -5.19
N ARG A 4 6.48 -0.39 -4.90
CA ARG A 4 6.68 -1.03 -3.59
C ARG A 4 6.84 -2.49 -4.07
N VAL A 5 7.93 -3.17 -3.59
CA VAL A 5 8.14 -4.57 -3.91
C VAL A 5 8.14 -5.31 -2.59
N ALA A 6 7.17 -6.18 -2.40
CA ALA A 6 7.07 -6.98 -1.21
C ALA A 6 7.36 -8.46 -1.60
N THR A 7 8.20 -9.11 -0.77
CA THR A 7 8.46 -10.55 -1.09
C THR A 7 8.61 -11.35 0.23
N ASN A 8 8.27 -12.64 0.14
CA ASN A 8 8.56 -13.62 1.23
C ASN A 8 9.96 -14.17 1.16
N LEU A 9 10.72 -13.77 0.15
CA LEU A 9 12.20 -14.08 0.06
C LEU A 9 12.91 -13.25 1.16
N PRO A 10 13.93 -13.85 1.81
CA PRO A 10 14.66 -13.13 2.83
C PRO A 10 15.30 -11.89 2.27
N ASP A 11 15.52 -10.91 3.16
CA ASP A 11 16.21 -9.68 2.79
C ASP A 11 17.57 -9.96 2.22
N LYS A 12 18.26 -10.97 2.80
CA LYS A 12 19.61 -11.36 2.26
C LYS A 12 19.55 -11.82 0.79
N ASP A 13 18.38 -12.29 0.36
CA ASP A 13 18.20 -12.66 -1.06
C ASP A 13 17.82 -11.58 -2.07
N VAL A 14 17.50 -10.37 -1.56
CA VAL A 14 17.28 -9.23 -2.44
C VAL A 14 18.55 -8.37 -2.47
N PRO A 15 19.27 -8.40 -3.58
CA PRO A 15 20.65 -7.90 -3.55
C PRO A 15 20.64 -6.40 -3.30
N ALA A 16 21.76 -5.88 -2.77
CA ALA A 16 21.84 -4.47 -2.41
C ALA A 16 21.67 -3.57 -3.63
N ASN A 17 21.93 -4.09 -4.82
CA ASN A 17 21.87 -3.26 -6.06
C ASN A 17 20.45 -3.38 -6.69
N PHE A 18 19.54 -4.02 -5.98
CA PHE A 18 18.17 -4.31 -6.56
C PHE A 18 17.49 -2.94 -6.89
N GLU A 19 17.40 -2.09 -5.89
CA GLU A 19 16.77 -0.77 -6.09
C GLU A 19 17.37 0.04 -7.21
N GLU A 20 18.70 0.07 -7.32
CA GLU A 20 19.39 0.75 -8.41
C GLU A 20 19.06 0.19 -9.75
N ARG A 21 19.10 -1.13 -9.89
CA ARG A 21 18.85 -1.70 -11.18
C ARG A 21 17.37 -1.54 -11.58
N LEU A 22 16.47 -1.65 -10.60
CA LEU A 22 15.06 -1.49 -10.90
C LEU A 22 14.76 0.01 -11.26
N THR A 23 15.44 0.92 -10.61
CA THR A 23 15.31 2.36 -10.92
C THR A 23 15.67 2.57 -12.37
N ASP A 24 16.81 2.00 -12.79
CA ASP A 24 17.23 2.17 -14.23
C ASP A 24 16.22 1.59 -15.19
N LEU A 25 15.74 0.39 -14.86
CA LEU A 25 14.76 -0.35 -15.69
C LEU A 25 13.44 0.48 -15.89
N LEU A 26 12.95 1.02 -14.76
CA LEU A 26 11.65 1.76 -14.81
C LEU A 26 11.89 3.14 -15.49
N ALA A 27 13.05 3.73 -15.33
CA ALA A 27 13.34 5.08 -15.93
C ALA A 27 13.25 4.87 -17.47
N GLU A 28 13.80 3.77 -17.95
CA GLU A 28 13.82 3.50 -19.38
C GLU A 28 12.41 3.07 -19.87
N SER A 29 11.78 2.15 -19.16
CA SER A 29 10.46 1.62 -19.60
C SER A 29 9.38 2.69 -19.54
N MET A 30 9.46 3.61 -18.56
CA MET A 30 8.37 4.62 -18.34
C MET A 30 8.71 5.99 -18.91
N ASN A 31 9.92 6.14 -19.46
CA ASN A 31 10.43 7.41 -19.82
C ASN A 31 10.21 8.44 -18.70
N LYS A 32 10.61 8.05 -17.47
CA LYS A 32 10.64 8.93 -16.32
C LYS A 32 12.03 9.20 -15.79
N PRO A 33 12.28 10.38 -15.24
CA PRO A 33 13.60 10.70 -14.72
C PRO A 33 13.94 9.85 -13.49
N ARG A 34 15.23 9.46 -13.37
CA ARG A 34 15.68 8.76 -12.18
C ARG A 34 15.27 9.46 -10.90
N ASN A 35 15.40 10.80 -10.85
CA ASN A 35 15.04 11.53 -9.60
C ASN A 35 13.53 11.66 -9.32
N ARG A 36 12.72 11.00 -10.12
CA ARG A 36 11.29 10.94 -9.81
C ARG A 36 10.87 9.53 -9.54
N ILE A 37 11.87 8.66 -9.20
CA ILE A 37 11.50 7.26 -9.00
C ILE A 37 11.86 6.86 -7.57
N ALA A 38 10.88 6.32 -6.85
CA ALA A 38 11.12 5.86 -5.46
C ALA A 38 10.79 4.43 -5.45
N ILE A 39 11.61 3.64 -4.72
CA ILE A 39 11.39 2.21 -4.61
C ILE A 39 11.38 1.82 -3.15
N GLU A 40 10.31 1.18 -2.73
CA GLU A 40 10.29 0.56 -1.40
C GLU A 40 10.51 -0.94 -1.54
N VAL A 41 11.35 -1.57 -0.69
CA VAL A 41 11.48 -3.04 -0.77
C VAL A 41 11.16 -3.57 0.61
N LEU A 42 10.32 -4.58 0.67
CA LEU A 42 9.84 -5.17 1.96
C LEU A 42 10.09 -6.66 1.77
N ALA A 43 11.23 -7.13 2.25
CA ALA A 43 11.53 -8.61 2.13
C ALA A 43 11.33 -9.30 3.47
N GLY A 44 11.41 -10.62 3.43
CA GLY A 44 11.23 -11.31 4.71
C GLY A 44 9.79 -11.25 5.18
N GLN A 45 8.87 -10.92 4.27
CA GLN A 45 7.48 -10.65 4.75
C GLN A 45 6.59 -11.91 4.70
N ARG A 46 5.52 -12.06 5.49
CA ARG A 46 4.54 -13.14 5.25
C ARG A 46 3.71 -12.85 4.07
N ILE A 47 3.85 -13.65 3.04
CA ILE A 47 2.97 -13.49 1.88
C ILE A 47 2.55 -14.92 1.47
N THR A 48 1.27 -15.06 1.10
CA THR A 48 0.87 -16.29 0.42
C THR A 48 0.29 -15.99 -0.96
N HIS A 49 0.33 -16.97 -1.85
CA HIS A 49 -0.33 -16.89 -3.14
C HIS A 49 -0.94 -18.29 -3.32
N GLY A 50 -2.26 -18.31 -3.46
CA GLY A 50 -3.11 -19.51 -3.32
C GLY A 50 -2.81 -20.28 -2.06
N ALA A 51 -2.62 -19.49 -0.97
CA ALA A 51 -2.24 -19.96 0.36
C ALA A 51 -0.86 -20.65 0.46
N SER A 52 -0.15 -20.79 -0.64
CA SER A 52 1.21 -21.26 -0.66
C SER A 52 2.22 -20.19 -0.14
N ARG A 53 3.17 -20.64 0.69
CA ARG A 53 4.33 -19.76 1.12
C ARG A 53 5.52 -19.86 0.20
N ASN A 54 5.34 -20.41 -1.00
CA ASN A 54 6.45 -20.47 -1.92
C ASN A 54 6.90 -19.02 -2.32
N PRO A 55 8.15 -18.85 -2.83
CA PRO A 55 8.68 -17.49 -3.11
C PRO A 55 7.77 -16.76 -4.10
N VAL A 56 7.50 -15.47 -3.79
CA VAL A 56 6.59 -14.70 -4.63
C VAL A 56 6.96 -13.24 -4.39
N ALA A 57 6.64 -12.37 -5.36
CA ALA A 57 6.73 -10.96 -5.16
C ALA A 57 5.39 -10.35 -5.48
N VAL A 58 5.01 -9.35 -4.68
CA VAL A 58 3.75 -8.61 -4.90
C VAL A 58 4.24 -7.16 -5.02
N ILE A 59 3.90 -6.55 -6.18
CA ILE A 59 4.53 -5.27 -6.46
C ILE A 59 3.46 -4.25 -6.80
N LYS A 60 3.64 -3.01 -6.30
CA LYS A 60 2.68 -1.92 -6.68
C LYS A 60 3.44 -0.92 -7.45
N VAL A 61 2.88 -0.45 -8.60
CA VAL A 61 3.61 0.64 -9.28
C VAL A 61 2.60 1.81 -9.47
N GLU A 62 2.91 2.96 -8.86
CA GLU A 62 2.15 4.23 -9.06
C GLU A 62 2.94 5.15 -9.93
N SER A 63 2.21 5.88 -10.82
CA SER A 63 2.94 6.81 -11.70
C SER A 63 1.88 7.84 -12.16
N ILE A 64 2.36 9.03 -12.47
CA ILE A 64 1.49 10.00 -13.15
C ILE A 64 1.64 9.75 -14.67
N GLY A 65 0.71 8.94 -15.17
CA GLY A 65 0.79 8.52 -16.60
C GLY A 65 1.89 7.50 -16.85
N ALA A 66 2.20 7.25 -18.12
CA ALA A 66 3.13 6.17 -18.52
C ALA A 66 2.64 4.80 -18.18
N LEU A 67 1.31 4.67 -18.02
CA LEU A 67 0.68 3.41 -17.64
C LEU A 67 -0.50 3.09 -18.57
N SER A 68 -0.30 3.32 -19.90
CA SER A 68 -1.37 2.88 -20.80
C SER A 68 -1.52 1.35 -20.79
N ALA A 69 -2.62 0.81 -21.33
CA ALA A 69 -2.73 -0.64 -21.51
C ALA A 69 -1.47 -1.26 -22.20
N ASP A 70 -0.99 -0.63 -23.30
CA ASP A 70 0.15 -1.09 -23.97
C ASP A 70 1.48 -0.92 -23.13
N ASP A 71 1.64 0.20 -22.50
CA ASP A 71 2.80 0.45 -21.64
C ASP A 71 2.87 -0.64 -20.58
N ASN A 72 1.73 -1.03 -20.03
CA ASN A 72 1.74 -1.94 -18.89
C ASN A 72 2.14 -3.37 -19.27
N ILE A 73 1.85 -3.72 -20.53
CA ILE A 73 2.37 -5.00 -21.05
C ILE A 73 3.92 -4.92 -21.01
N ARG A 74 4.51 -3.85 -21.51
CA ARG A 74 5.96 -3.74 -21.59
C ARG A 74 6.51 -3.70 -20.12
N HIS A 75 5.92 -2.87 -19.24
CA HIS A 75 6.48 -2.87 -17.83
C HIS A 75 6.40 -4.26 -17.21
N THR A 76 5.33 -5.00 -17.45
CA THR A 76 5.15 -6.26 -16.77
C THR A 76 6.21 -7.23 -17.31
N GLN A 77 6.38 -7.24 -18.63
CA GLN A 77 7.44 -8.12 -19.21
CA GLN A 77 7.37 -8.09 -19.26
C GLN A 77 8.78 -7.80 -18.63
N LYS A 78 9.12 -6.52 -18.51
CA LYS A 78 10.44 -6.15 -18.02
C LYS A 78 10.61 -6.41 -16.51
N ILE A 79 9.62 -5.99 -15.69
CA ILE A 79 9.73 -6.26 -14.27
C ILE A 79 9.74 -7.74 -13.97
N THR A 80 8.96 -8.54 -14.70
CA THR A 80 8.79 -9.99 -14.36
C THR A 80 10.18 -10.62 -14.71
N GLN A 81 10.70 -10.33 -15.90
CA GLN A 81 12.07 -10.84 -16.30
C GLN A 81 13.16 -10.42 -15.29
N PHE A 82 13.12 -9.19 -14.85
CA PHE A 82 14.09 -8.68 -13.84
C PHE A 82 13.93 -9.43 -12.49
N CYS A 83 12.71 -9.79 -12.05
CA CYS A 83 12.57 -10.52 -10.82
C CYS A 83 13.03 -11.97 -11.03
N GLN A 84 12.81 -12.52 -12.22
CA GLN A 84 13.29 -13.90 -12.52
C GLN A 84 14.83 -13.91 -12.43
N ASP A 85 15.46 -12.90 -13.04
CA ASP A 85 16.97 -12.82 -13.06
C ASP A 85 17.56 -12.55 -11.70
N THR A 86 16.97 -11.62 -10.94
CA THR A 86 17.61 -11.22 -9.70
C THR A 86 17.12 -11.96 -8.47
N LEU A 87 15.86 -12.39 -8.45
CA LEU A 87 15.30 -13.00 -7.30
C LEU A 87 15.09 -14.48 -7.51
N LYS A 88 15.34 -14.96 -8.73
CA LYS A 88 15.08 -16.36 -9.08
C LYS A 88 13.64 -16.77 -8.97
N LEU A 89 12.71 -15.80 -9.10
CA LEU A 89 11.32 -16.17 -9.00
C LEU A 89 10.82 -16.80 -10.31
N PRO A 90 9.89 -17.75 -10.21
CA PRO A 90 9.22 -18.22 -11.44
C PRO A 90 8.45 -17.05 -12.09
N LYS A 91 8.36 -17.14 -13.42
CA LYS A 91 7.57 -16.18 -14.16
C LYS A 91 6.12 -15.97 -13.65
N ASP A 92 5.48 -17.01 -13.09
CA ASP A 92 4.13 -16.93 -12.57
C ASP A 92 4.08 -16.62 -11.05
N LYS A 93 5.17 -16.07 -10.51
CA LYS A 93 5.22 -15.69 -9.09
C LYS A 93 5.51 -14.22 -8.92
N VAL A 94 5.10 -13.37 -9.89
CA VAL A 94 5.36 -11.93 -9.78
C VAL A 94 4.00 -11.28 -10.09
N ILE A 95 3.40 -10.67 -9.06
CA ILE A 95 2.04 -10.14 -9.14
C ILE A 95 2.18 -8.61 -9.06
N ILE A 96 1.65 -7.91 -10.09
CA ILE A 96 1.87 -6.41 -10.15
C ILE A 96 0.53 -5.67 -10.29
N THR A 97 0.36 -4.61 -9.50
CA THR A 97 -0.79 -3.71 -9.66
C THR A 97 -0.27 -2.38 -10.06
N TYR A 98 -0.91 -1.77 -11.06
CA TYR A 98 -0.50 -0.39 -11.53
C TYR A 98 -1.60 0.63 -11.14
N PHE A 99 -1.17 1.83 -10.74
CA PHE A 99 -2.08 2.91 -10.32
C PHE A 99 -1.67 4.11 -11.10
N ASP A 100 -2.60 4.58 -11.98
CA ASP A 100 -2.31 5.72 -12.84
C ASP A 100 -2.89 6.97 -12.18
N LEU A 101 -2.02 7.84 -11.71
CA LEU A 101 -2.41 8.94 -10.81
C LEU A 101 -2.58 10.26 -11.57
N GLN A 102 -3.48 11.10 -11.08
CA GLN A 102 -3.52 12.52 -11.55
C GLN A 102 -2.57 13.36 -10.77
N PRO A 103 -2.04 14.41 -11.36
CA PRO A 103 -1.07 15.16 -10.68
C PRO A 103 -1.60 15.93 -9.48
N ILE A 104 -2.91 16.15 -9.40
CA ILE A 104 -3.46 16.75 -8.13
C ILE A 104 -3.38 15.79 -6.93
N HIS A 105 -3.12 14.50 -7.16
CA HIS A 105 -3.07 13.48 -6.10
C HIS A 105 -1.62 13.03 -5.78
N VAL A 106 -0.66 13.82 -6.17
CA VAL A 106 0.78 13.55 -5.78
C VAL A 106 1.35 14.78 -5.17
N GLY A 107 1.94 14.59 -3.98
CA GLY A 107 2.62 15.66 -3.25
C GLY A 107 4.17 15.44 -3.34
N PHE A 108 4.89 16.49 -3.72
CA PHE A 108 6.38 16.41 -3.82
C PHE A 108 6.93 17.80 -3.66
N ASN A 109 8.07 17.92 -2.93
CA ASN A 109 8.65 19.25 -2.65
C ASN A 109 7.66 20.23 -2.01
N GLY A 110 6.73 19.71 -1.22
CA GLY A 110 5.94 20.62 -0.41
C GLY A 110 4.64 21.11 -1.12
N THR A 111 4.36 20.70 -2.37
CA THR A 111 3.02 21.03 -2.93
C THR A 111 2.66 19.95 -3.91
N THR A 112 1.52 20.07 -4.64
CA THR A 112 1.14 18.93 -5.52
C THR A 112 1.98 19.07 -6.78
N VAL A 113 2.10 18.01 -7.50
CA VAL A 113 2.78 18.09 -8.81
C VAL A 113 1.93 19.02 -9.74
N ALA A 114 0.60 18.93 -9.65
CA ALA A 114 -0.26 19.88 -10.46
C ALA A 114 0.14 21.38 -10.22
N ALA A 115 0.48 21.74 -8.99
CA ALA A 115 0.72 23.14 -8.56
C ALA A 115 2.16 23.57 -8.73
N ALA A 116 3.00 22.63 -9.09
CA ALA A 116 4.43 22.94 -9.13
C ALA A 116 4.71 24.05 -10.19
N PRO B 1 -7.28 -11.46 -6.56
CA PRO B 1 -7.37 -10.43 -5.46
C PRO B 1 -6.03 -10.31 -4.74
N MET B 2 -5.69 -9.11 -4.25
CA MET B 2 -4.38 -8.95 -3.65
C MET B 2 -4.72 -8.17 -2.36
N VAL B 3 -4.44 -8.78 -1.22
CA VAL B 3 -5.00 -8.34 0.04
C VAL B 3 -3.81 -8.06 1.00
N ARG B 4 -3.85 -6.91 1.68
CA ARG B 4 -2.78 -6.61 2.64
C ARG B 4 -3.46 -6.48 3.98
N VAL B 5 -3.05 -7.24 4.99
CA VAL B 5 -3.55 -7.13 6.36
C VAL B 5 -2.39 -6.61 7.25
N ALA B 6 -2.50 -5.39 7.73
CA ALA B 6 -1.53 -4.91 8.65
C ALA B 6 -2.16 -4.84 10.03
N THR B 7 -1.38 -5.15 11.06
CA THR B 7 -1.96 -5.09 12.43
C THR B 7 -0.83 -4.74 13.41
N ASN B 8 -1.22 -4.14 14.56
CA ASN B 8 -0.24 -3.83 15.62
C ASN B 8 -0.24 -5.03 16.58
N LEU B 9 -1.03 -6.03 16.27
CA LEU B 9 -0.97 -7.28 17.07
C LEU B 9 0.36 -7.97 16.69
N PRO B 10 1.04 -8.65 17.63
CA PRO B 10 2.31 -9.31 17.29
C PRO B 10 2.10 -10.47 16.29
N ASP B 11 3.14 -10.74 15.50
CA ASP B 11 3.18 -11.82 14.55
C ASP B 11 2.79 -13.18 15.21
N LYS B 12 3.31 -13.46 16.44
CA LYS B 12 2.91 -14.78 17.07
C LYS B 12 1.42 -14.90 17.34
N ASP B 13 0.69 -13.81 17.33
CA ASP B 13 -0.75 -13.80 17.57
C ASP B 13 -1.62 -13.89 16.31
N VAL B 14 -0.96 -13.99 15.15
CA VAL B 14 -1.71 -14.10 13.89
C VAL B 14 -1.41 -15.50 13.47
N PRO B 15 -2.39 -16.42 13.68
CA PRO B 15 -2.11 -17.85 13.41
C PRO B 15 -1.49 -18.24 12.03
N ALA B 16 -0.71 -19.29 12.01
CA ALA B 16 -0.06 -19.72 10.81
C ALA B 16 -1.12 -20.10 9.71
N ASN B 17 -2.33 -20.40 10.13
CA ASN B 17 -3.40 -20.76 9.07
C ASN B 17 -4.23 -19.55 8.65
N PHE B 18 -3.85 -18.38 9.16
CA PHE B 18 -4.65 -17.15 8.90
C PHE B 18 -4.80 -16.98 7.39
N GLU B 19 -3.70 -17.09 6.67
CA GLU B 19 -3.73 -16.84 5.25
C GLU B 19 -4.52 -17.90 4.49
N GLU B 20 -4.44 -19.18 4.90
CA GLU B 20 -5.29 -20.26 4.33
C GLU B 20 -6.73 -19.88 4.49
N ARG B 21 -7.13 -19.53 5.71
CA ARG B 21 -8.54 -19.38 5.99
C ARG B 21 -9.07 -18.09 5.27
N LEU B 22 -8.23 -17.04 5.19
CA LEU B 22 -8.65 -15.77 4.51
C LEU B 22 -8.75 -16.07 2.99
N THR B 23 -7.85 -16.90 2.45
CA THR B 23 -7.84 -17.18 1.08
C THR B 23 -9.19 -17.90 0.73
N ASP B 24 -9.59 -18.86 1.57
CA ASP B 24 -10.92 -19.52 1.35
C ASP B 24 -12.05 -18.57 1.46
N LEU B 25 -12.09 -17.72 2.49
CA LEU B 25 -13.07 -16.71 2.70
C LEU B 25 -13.23 -15.79 1.44
N LEU B 26 -12.12 -15.30 0.87
CA LEU B 26 -12.18 -14.33 -0.25
C LEU B 26 -12.60 -15.12 -1.51
N ALA B 27 -12.11 -16.34 -1.62
CA ALA B 27 -12.42 -17.13 -2.87
C ALA B 27 -13.96 -17.29 -2.95
N GLU B 28 -14.57 -17.67 -1.85
CA GLU B 28 -16.04 -17.87 -1.80
C GLU B 28 -16.78 -16.54 -1.91
N SER B 29 -16.43 -15.53 -1.09
CA SER B 29 -17.08 -14.22 -1.22
C SER B 29 -17.01 -13.52 -2.57
N MET B 30 -15.89 -13.62 -3.29
CA MET B 30 -15.68 -12.85 -4.49
C MET B 30 -15.85 -13.70 -5.74
N ASN B 31 -16.03 -15.01 -5.50
CA ASN B 31 -16.09 -16.01 -6.60
C ASN B 31 -14.84 -15.89 -7.45
N LYS B 32 -13.67 -15.91 -6.78
CA LYS B 32 -12.37 -15.85 -7.49
C LYS B 32 -11.64 -17.14 -7.19
N PRO B 33 -10.82 -17.60 -8.12
CA PRO B 33 -10.04 -18.87 -7.91
C PRO B 33 -8.96 -18.69 -6.81
N ARG B 34 -8.77 -19.71 -5.98
CA ARG B 34 -7.66 -19.69 -5.00
C ARG B 34 -6.31 -19.33 -5.61
N ASN B 35 -5.97 -19.84 -6.80
CA ASN B 35 -4.66 -19.45 -7.34
C ASN B 35 -4.61 -18.02 -7.96
N ARG B 36 -5.63 -17.23 -7.73
CA ARG B 36 -5.57 -15.81 -8.09
C ARG B 36 -5.74 -14.94 -6.86
N ILE B 37 -5.40 -15.49 -5.67
CA ILE B 37 -5.53 -14.70 -4.38
C ILE B 37 -4.17 -14.65 -3.69
N ALA B 38 -3.62 -13.44 -3.46
CA ALA B 38 -2.35 -13.31 -2.73
C ALA B 38 -2.71 -12.52 -1.46
N ILE B 39 -2.09 -12.87 -0.33
CA ILE B 39 -2.31 -12.10 0.93
CA ILE B 39 -2.33 -12.21 0.99
C ILE B 39 -0.99 -11.77 1.55
N GLU B 40 -0.85 -10.49 2.00
CA GLU B 40 0.37 -10.07 2.67
C GLU B 40 -0.07 -9.83 4.10
N VAL B 41 0.71 -10.36 5.07
CA VAL B 41 0.37 -10.10 6.49
C VAL B 41 1.53 -9.30 7.12
N LEU B 42 1.23 -8.11 7.66
CA LEU B 42 2.32 -7.31 8.29
C LEU B 42 1.88 -7.12 9.69
N ALA B 43 2.33 -7.99 10.57
CA ALA B 43 2.00 -7.85 12.00
C ALA B 43 3.15 -7.18 12.81
N GLY B 44 2.88 -6.84 14.06
CA GLY B 44 3.94 -6.23 14.89
C GLY B 44 4.22 -4.81 14.44
N GLN B 45 3.29 -4.21 13.66
CA GLN B 45 3.62 -2.89 13.04
C GLN B 45 3.08 -1.75 13.91
N ARG B 46 3.65 -0.54 13.83
CA ARG B 46 3.07 0.64 14.45
C ARG B 46 1.80 1.03 13.71
N ILE B 47 0.72 0.93 14.41
CA ILE B 47 -0.60 1.48 13.90
C ILE B 47 -1.37 2.20 14.96
N THR B 48 -1.88 3.40 14.65
CA THR B 48 -2.89 3.99 15.61
C THR B 48 -4.21 4.16 14.92
N HIS B 49 -5.27 4.13 15.68
CA HIS B 49 -6.59 4.56 15.17
C HIS B 49 -7.18 5.48 16.25
N GLY B 50 -7.63 6.69 15.87
CA GLY B 50 -7.93 7.77 16.86
C GLY B 50 -6.75 8.01 17.81
N ALA B 51 -5.51 7.77 17.35
CA ALA B 51 -4.25 7.95 18.07
C ALA B 51 -4.02 6.87 19.15
N SER B 52 -4.98 5.99 19.31
CA SER B 52 -4.84 4.83 20.17
C SER B 52 -3.99 3.72 19.56
N ARG B 53 -3.13 3.10 20.40
CA ARG B 53 -2.42 1.86 19.96
C ARG B 53 -3.14 0.58 20.40
N ASN B 54 -4.44 0.65 20.72
CA ASN B 54 -5.19 -0.56 20.98
C ASN B 54 -5.11 -1.46 19.72
N PRO B 55 -5.29 -2.78 19.88
CA PRO B 55 -5.27 -3.72 18.69
C PRO B 55 -6.23 -3.29 17.56
N VAL B 56 -5.75 -3.34 16.31
CA VAL B 56 -6.53 -2.84 15.18
C VAL B 56 -5.96 -3.55 13.95
N ALA B 57 -6.77 -3.69 12.90
CA ALA B 57 -6.23 -4.29 11.64
C ALA B 57 -6.63 -3.20 10.59
N VAL B 58 -5.72 -2.93 9.64
CA VAL B 58 -5.97 -1.98 8.54
C VAL B 58 -5.75 -2.89 7.35
N ILE B 59 -6.76 -2.98 6.48
CA ILE B 59 -6.65 -3.99 5.41
C ILE B 59 -6.93 -3.31 4.07
N LYS B 60 -6.20 -3.73 3.03
CA LYS B 60 -6.45 -3.25 1.66
C LYS B 60 -6.81 -4.44 0.78
N VAL B 61 -7.90 -4.31 0.00
CA VAL B 61 -8.30 -5.42 -0.82
C VAL B 61 -8.35 -4.90 -2.23
N GLU B 62 -7.55 -5.50 -3.13
CA GLU B 62 -7.55 -5.12 -4.55
C GLU B 62 -8.14 -6.30 -5.31
N SER B 63 -8.94 -6.02 -6.34
CA SER B 63 -9.53 -7.15 -7.13
C SER B 63 -9.93 -6.62 -8.50
N ILE B 64 -9.83 -7.47 -9.53
CA ILE B 64 -10.38 -7.11 -10.85
C ILE B 64 -11.93 -7.36 -10.81
N GLY B 65 -12.64 -6.30 -10.42
CA GLY B 65 -14.10 -6.48 -10.13
C GLY B 65 -14.43 -7.30 -8.90
N ALA B 66 -15.66 -7.84 -8.86
CA ALA B 66 -16.19 -8.45 -7.68
C ALA B 66 -16.28 -7.53 -6.47
N LEU B 67 -16.29 -6.22 -6.71
CA LEU B 67 -16.28 -5.20 -5.63
C LEU B 67 -17.43 -4.21 -5.82
N SER B 68 -18.61 -4.73 -6.26
CA SER B 68 -19.80 -3.86 -6.32
C SER B 68 -20.10 -3.32 -4.92
N ALA B 69 -20.94 -2.26 -4.80
CA ALA B 69 -21.40 -1.80 -3.50
C ALA B 69 -21.96 -2.92 -2.66
N ASP B 70 -22.84 -3.74 -3.25
CA ASP B 70 -23.42 -4.83 -2.48
C ASP B 70 -22.36 -5.89 -2.13
N ASP B 71 -21.54 -6.24 -3.11
CA ASP B 71 -20.40 -7.18 -2.83
C ASP B 71 -19.57 -6.70 -1.59
N ASN B 72 -19.29 -5.41 -1.50
CA ASN B 72 -18.40 -4.87 -0.43
C ASN B 72 -19.04 -4.91 0.94
N ILE B 73 -20.38 -4.90 0.98
CA ILE B 73 -21.02 -5.15 2.24
C ILE B 73 -20.76 -6.58 2.70
N ARG B 74 -20.92 -7.54 1.78
CA ARG B 74 -20.71 -8.94 2.14
C ARG B 74 -19.21 -9.15 2.54
N HIS B 75 -18.28 -8.63 1.75
CA HIS B 75 -16.82 -8.85 2.04
C HIS B 75 -16.48 -8.21 3.39
N THR B 76 -17.07 -7.06 3.72
CA THR B 76 -16.77 -6.40 4.98
C THR B 76 -17.32 -7.16 6.15
N GLN B 77 -18.55 -7.69 6.01
CA GLN B 77 -19.10 -8.48 7.07
C GLN B 77 -18.24 -9.69 7.30
N LYS B 78 -17.87 -10.42 6.26
CA LYS B 78 -17.14 -11.64 6.44
C LYS B 78 -15.72 -11.42 6.99
N ILE B 79 -15.00 -10.49 6.39
CA ILE B 79 -13.62 -10.19 6.84
C ILE B 79 -13.60 -9.65 8.29
N THR B 80 -14.55 -8.82 8.67
CA THR B 80 -14.60 -8.28 10.00
C THR B 80 -14.88 -9.39 11.01
N GLN B 81 -15.90 -10.21 10.69
CA GLN B 81 -16.17 -11.41 11.53
C GLN B 81 -14.90 -12.31 11.65
N PHE B 82 -14.28 -12.61 10.53
CA PHE B 82 -13.09 -13.41 10.48
C PHE B 82 -11.94 -12.82 11.40
N CYS B 83 -11.75 -11.50 11.37
CA CYS B 83 -10.76 -10.86 12.30
C CYS B 83 -11.22 -10.89 13.73
N GLN B 84 -12.52 -10.71 14.02
CA GLN B 84 -13.02 -10.92 15.38
C GLN B 84 -12.69 -12.32 15.88
N ASP B 85 -12.95 -13.32 15.07
CA ASP B 85 -12.73 -14.71 15.45
C ASP B 85 -11.26 -15.12 15.61
N THR B 86 -10.40 -14.77 14.68
CA THR B 86 -9.05 -15.23 14.68
C THR B 86 -8.07 -14.30 15.45
N LEU B 87 -8.33 -13.01 15.41
CA LEU B 87 -7.42 -12.05 16.01
C LEU B 87 -7.99 -11.46 17.27
N LYS B 88 -9.24 -11.76 17.61
CA LYS B 88 -9.83 -11.26 18.84
C LYS B 88 -10.02 -9.75 18.81
N LEU B 89 -10.13 -9.17 17.58
CA LEU B 89 -10.41 -7.75 17.41
C LEU B 89 -11.87 -7.38 17.61
N PRO B 90 -12.11 -6.20 18.23
CA PRO B 90 -13.48 -5.73 18.24
C PRO B 90 -13.96 -5.47 16.85
N LYS B 91 -15.28 -5.54 16.69
CA LYS B 91 -15.90 -5.18 15.39
C LYS B 91 -15.51 -3.81 14.79
N ASP B 92 -15.29 -2.81 15.66
CA ASP B 92 -15.01 -1.45 15.20
C ASP B 92 -13.46 -1.20 15.18
N LYS B 93 -12.68 -2.26 15.06
CA LYS B 93 -11.21 -2.09 14.98
C LYS B 93 -10.66 -2.82 13.71
N VAL B 94 -11.49 -2.86 12.70
CA VAL B 94 -11.16 -3.52 11.44
C VAL B 94 -11.52 -2.51 10.34
N ILE B 95 -10.49 -1.92 9.72
CA ILE B 95 -10.66 -0.83 8.75
C ILE B 95 -10.25 -1.37 7.39
N ILE B 96 -11.18 -1.34 6.43
CA ILE B 96 -10.88 -1.96 5.10
C ILE B 96 -10.98 -0.94 3.95
N THR B 97 -10.09 -0.99 2.97
CA THR B 97 -10.18 -0.19 1.75
C THR B 97 -10.25 -1.13 0.58
N TYR B 98 -11.21 -0.88 -0.32
CA TYR B 98 -11.32 -1.74 -1.52
C TYR B 98 -10.84 -0.95 -2.73
N PHE B 99 -10.13 -1.61 -3.65
CA PHE B 99 -9.66 -1.01 -4.88
C PHE B 99 -10.06 -1.90 -6.05
N ASP B 100 -10.94 -1.39 -6.87
CA ASP B 100 -11.50 -2.20 -7.93
C ASP B 100 -10.68 -1.89 -9.21
N LEU B 101 -9.96 -2.90 -9.73
CA LEU B 101 -8.93 -2.64 -10.74
C LEU B 101 -9.47 -3.09 -12.12
N GLN B 102 -8.99 -2.36 -13.09
CA GLN B 102 -9.15 -2.79 -14.48
C GLN B 102 -8.09 -3.82 -14.81
N PRO B 103 -8.43 -4.76 -15.67
CA PRO B 103 -7.42 -5.81 -15.99
C PRO B 103 -6.17 -5.28 -16.74
N ILE B 104 -6.27 -4.13 -17.38
CA ILE B 104 -5.07 -3.48 -17.94
C ILE B 104 -4.10 -2.93 -16.90
N HIS B 105 -4.50 -2.96 -15.64
CA HIS B 105 -3.62 -2.45 -14.54
C HIS B 105 -3.15 -3.54 -13.67
N VAL B 106 -3.26 -4.79 -14.13
CA VAL B 106 -2.80 -5.93 -13.29
C VAL B 106 -1.85 -6.78 -14.11
N GLY B 107 -0.64 -7.01 -13.58
CA GLY B 107 0.37 -7.81 -14.34
C GLY B 107 0.49 -9.16 -13.62
N PHE B 108 0.46 -10.27 -14.39
CA PHE B 108 0.63 -11.62 -13.82
C PHE B 108 1.15 -12.53 -14.96
N ASN B 109 2.05 -13.46 -14.64
CA ASN B 109 2.65 -14.29 -15.68
C ASN B 109 3.28 -13.53 -16.83
N GLY B 110 3.84 -12.36 -16.57
CA GLY B 110 4.75 -11.63 -17.51
C GLY B 110 4.01 -10.72 -18.51
N THR B 111 2.68 -10.61 -18.34
CA THR B 111 1.96 -9.65 -19.19
C THR B 111 0.74 -9.19 -18.39
N THR B 112 -0.05 -8.28 -18.97
CA THR B 112 -1.22 -7.85 -18.25
C THR B 112 -2.28 -8.91 -18.27
N VAL B 113 -3.22 -8.79 -17.33
CA VAL B 113 -4.36 -9.74 -17.27
C VAL B 113 -5.20 -9.46 -18.52
N ALA B 114 -5.31 -8.18 -18.87
CA ALA B 114 -6.09 -7.78 -20.09
C ALA B 114 -5.50 -8.51 -21.36
N ALA B 115 -4.18 -8.61 -21.43
CA ALA B 115 -3.55 -9.20 -22.59
C ALA B 115 -3.30 -10.71 -22.55
N ALA B 116 -3.78 -11.39 -21.52
CA ALA B 116 -3.49 -12.80 -21.28
C ALA B 116 -3.88 -13.60 -22.54
N PRO C 1 -9.80 8.89 7.34
CA PRO C 1 -8.52 8.88 6.55
C PRO C 1 -7.62 7.70 7.03
N MET C 2 -6.89 7.14 6.11
CA MET C 2 -6.03 6.02 6.41
C MET C 2 -4.71 6.43 5.78
N VAL C 3 -3.69 6.55 6.65
CA VAL C 3 -2.41 7.11 6.21
C VAL C 3 -1.32 6.10 6.46
N ARG C 4 -0.42 5.92 5.51
CA ARG C 4 0.70 5.02 5.77
C ARG C 4 1.97 5.87 5.57
N VAL C 5 2.89 5.90 6.55
CA VAL C 5 4.16 6.61 6.36
C VAL C 5 5.27 5.55 6.38
N ALA C 6 6.03 5.39 5.29
CA ALA C 6 7.14 4.47 5.29
C ALA C 6 8.39 5.34 5.28
N THR C 7 9.40 4.90 6.03
CA THR C 7 10.66 5.67 5.95
C THR C 7 11.85 4.70 6.06
N ASN C 8 12.97 5.07 5.54
CA ASN C 8 14.25 4.35 5.76
C ASN C 8 14.94 4.91 7.01
N LEU C 9 14.41 5.94 7.67
CA LEU C 9 15.00 6.31 8.96
C LEU C 9 14.65 5.18 9.97
N PRO C 10 15.51 4.94 11.01
CA PRO C 10 15.21 3.88 11.97
C PRO C 10 14.01 4.23 12.82
N ASP C 11 13.38 3.20 13.34
CA ASP C 11 12.27 3.34 14.25
C ASP C 11 12.55 4.30 15.43
N LYS C 12 13.76 4.23 16.00
CA LYS C 12 14.07 5.13 17.13
C LYS C 12 14.01 6.64 16.69
N ASP C 13 14.18 6.95 15.39
CA ASP C 13 14.08 8.34 14.89
C ASP C 13 12.66 8.83 14.53
N VAL C 14 11.68 7.95 14.67
CA VAL C 14 10.28 8.35 14.43
C VAL C 14 9.65 8.36 15.85
N PRO C 15 9.47 9.58 16.39
CA PRO C 15 9.09 9.71 17.82
C PRO C 15 7.80 9.01 18.11
N ALA C 16 7.64 8.64 19.38
CA ALA C 16 6.46 7.83 19.77
C ALA C 16 5.18 8.65 19.57
N ASN C 17 5.27 10.00 19.60
CA ASN C 17 4.06 10.81 19.48
C ASN C 17 3.76 11.18 18.02
N PHE C 18 4.54 10.62 17.13
CA PHE C 18 4.40 10.94 15.64
C PHE C 18 2.96 10.71 15.17
N GLU C 19 2.41 9.53 15.46
CA GLU C 19 1.07 9.14 14.95
C GLU C 19 0.08 10.06 15.55
N GLU C 20 0.19 10.33 16.86
CA GLU C 20 -0.81 11.21 17.47
C GLU C 20 -0.77 12.61 16.86
N ARG C 21 0.42 13.14 16.68
CA ARG C 21 0.56 14.49 16.14
CA ARG C 21 0.48 14.50 16.16
C ARG C 21 0.05 14.58 14.69
N LEU C 22 0.35 13.51 13.93
CA LEU C 22 -0.11 13.45 12.52
C LEU C 22 -1.64 13.29 12.50
N THR C 23 -2.20 12.54 13.45
CA THR C 23 -3.64 12.41 13.53
C THR C 23 -4.22 13.84 13.78
N ASP C 24 -3.65 14.61 14.75
CA ASP C 24 -4.18 16.03 14.93
C ASP C 24 -4.08 16.89 13.67
N LEU C 25 -2.95 16.77 12.95
CA LEU C 25 -2.70 17.60 11.75
C LEU C 25 -3.78 17.28 10.67
N LEU C 26 -4.12 16.02 10.46
CA LEU C 26 -5.00 15.62 9.36
C LEU C 26 -6.46 15.88 9.80
N ALA C 27 -6.72 15.79 11.11
CA ALA C 27 -8.08 16.06 11.64
C ALA C 27 -8.47 17.49 11.28
N GLU C 28 -7.53 18.40 11.50
CA GLU C 28 -7.76 19.82 11.31
C GLU C 28 -7.78 20.07 9.79
N SER C 29 -6.74 19.63 9.09
CA SER C 29 -6.66 20.01 7.68
C SER C 29 -7.81 19.34 6.80
N MET C 30 -8.24 18.14 7.17
CA MET C 30 -9.21 17.44 6.39
C MET C 30 -10.60 17.58 7.00
N ASN C 31 -10.70 18.33 8.10
CA ASN C 31 -11.97 18.35 8.83
C ASN C 31 -12.63 17.00 9.16
N LYS C 32 -11.84 16.03 9.69
CA LYS C 32 -12.29 14.72 9.97
C LYS C 32 -12.17 14.43 11.47
N PRO C 33 -13.08 13.65 12.02
CA PRO C 33 -12.91 13.43 13.50
C PRO C 33 -11.70 12.50 13.77
N ARG C 34 -11.05 12.72 14.90
CA ARG C 34 -9.86 11.94 15.29
C ARG C 34 -10.18 10.40 15.26
N ASN C 35 -11.39 9.97 15.65
CA ASN C 35 -11.72 8.51 15.67
C ASN C 35 -11.98 7.95 14.27
N ARG C 36 -11.81 8.77 13.24
CA ARG C 36 -11.91 8.22 11.87
C ARG C 36 -10.54 8.36 11.16
N ILE C 37 -9.46 8.46 11.95
CA ILE C 37 -8.13 8.57 11.29
C ILE C 37 -7.24 7.41 11.78
N ALA C 38 -6.65 6.60 10.84
CA ALA C 38 -5.73 5.59 11.23
C ALA C 38 -4.37 5.89 10.61
N ILE C 39 -3.30 5.63 11.35
CA ILE C 39 -1.96 5.99 10.85
C ILE C 39 -1.18 4.64 10.96
N GLU C 40 -0.54 4.25 9.87
CA GLU C 40 0.47 3.17 9.88
C GLU C 40 1.86 3.84 9.75
N VAL C 41 2.83 3.37 10.56
CA VAL C 41 4.21 3.77 10.46
C VAL C 41 5.06 2.53 10.19
N LEU C 42 5.88 2.59 9.12
CA LEU C 42 6.89 1.50 8.80
C LEU C 42 8.23 2.16 8.70
N ALA C 43 9.00 2.15 9.79
CA ALA C 43 10.34 2.70 9.77
C ALA C 43 11.43 1.61 9.57
N GLY C 44 12.68 2.05 9.40
CA GLY C 44 13.77 1.08 9.22
C GLY C 44 13.61 0.29 7.92
N GLN C 45 12.83 0.84 6.99
CA GLN C 45 12.55 0.05 5.75
C GLN C 45 13.58 0.36 4.61
N ARG C 46 13.85 -0.60 3.72
CA ARG C 46 14.66 -0.25 2.52
C ARG C 46 13.80 0.67 1.58
N ILE C 47 14.28 1.87 1.34
CA ILE C 47 13.64 2.77 0.39
C ILE C 47 14.74 3.54 -0.33
N THR C 48 14.63 3.66 -1.67
CA THR C 48 15.49 4.57 -2.42
C THR C 48 14.67 5.62 -3.09
N HIS C 49 15.35 6.72 -3.37
CA HIS C 49 14.75 7.73 -4.25
C HIS C 49 15.83 8.21 -5.14
N GLY C 50 15.64 8.10 -6.44
CA GLY C 50 16.74 8.27 -7.46
C GLY C 50 17.87 7.25 -7.14
N ALA C 51 17.51 6.04 -6.63
CA ALA C 51 18.44 4.99 -6.18
C ALA C 51 19.34 5.41 -4.97
N SER C 52 19.11 6.57 -4.38
CA SER C 52 19.77 7.00 -3.17
C SER C 52 19.10 6.45 -1.94
N ARG C 53 19.89 5.99 -0.97
CA ARG C 53 19.37 5.56 0.35
C ARG C 53 19.38 6.68 1.34
N ASN C 54 19.54 7.93 0.88
CA ASN C 54 19.38 9.03 1.85
C ASN C 54 17.98 9.08 2.49
N PRO C 55 17.86 9.65 3.71
CA PRO C 55 16.55 9.63 4.46
C PRO C 55 15.42 10.15 3.56
N VAL C 56 14.26 9.45 3.58
CA VAL C 56 13.19 9.85 2.72
C VAL C 56 11.94 9.27 3.39
N ALA C 57 10.77 9.89 3.14
CA ALA C 57 9.49 9.25 3.54
C ALA C 57 8.57 9.12 2.33
N VAL C 58 7.82 7.98 2.25
CA VAL C 58 6.95 7.79 1.14
C VAL C 58 5.64 7.60 1.87
N ILE C 59 4.66 8.45 1.55
CA ILE C 59 3.40 8.42 2.41
C ILE C 59 2.19 8.19 1.47
N LYS C 60 1.19 7.49 2.01
CA LYS C 60 -0.05 7.27 1.22
C LYS C 60 -1.16 7.89 2.14
N VAL C 61 -2.08 8.62 1.50
CA VAL C 61 -3.18 9.20 2.29
C VAL C 61 -4.46 8.83 1.52
N GLU C 62 -5.36 8.10 2.17
CA GLU C 62 -6.64 7.70 1.65
C GLU C 62 -7.61 8.52 2.49
N SER C 63 -8.66 8.96 1.82
CA SER C 63 -9.76 9.56 2.59
C SER C 63 -11.05 9.51 1.72
N ILE C 64 -12.19 9.49 2.39
CA ILE C 64 -13.42 9.69 1.62
C ILE C 64 -13.58 11.18 1.43
N GLY C 65 -13.24 11.66 0.25
CA GLY C 65 -13.30 13.14 0.01
C GLY C 65 -12.32 13.96 0.85
N ALA C 66 -12.58 15.27 0.97
CA ALA C 66 -11.63 16.21 1.57
C ALA C 66 -10.31 16.28 0.85
N LEU C 67 -10.35 15.95 -0.45
CA LEU C 67 -9.07 15.87 -1.26
C LEU C 67 -9.26 16.65 -2.55
N SER C 68 -9.93 17.84 -2.52
CA SER C 68 -9.87 18.63 -3.74
C SER C 68 -8.43 19.03 -4.14
N ALA C 69 -8.23 19.47 -5.36
CA ALA C 69 -6.92 19.93 -5.83
C ALA C 69 -6.35 20.88 -4.86
N ASP C 70 -7.16 21.84 -4.39
CA ASP C 70 -6.64 22.84 -3.45
C ASP C 70 -6.44 22.35 -2.05
N ASP C 71 -7.31 21.46 -1.59
CA ASP C 71 -7.08 20.84 -0.25
C ASP C 71 -5.69 20.07 -0.30
N ASN C 72 -5.34 19.50 -1.46
CA ASN C 72 -4.12 18.62 -1.47
C ASN C 72 -2.87 19.45 -1.44
N ILE C 73 -2.99 20.66 -1.96
CA ILE C 73 -1.86 21.56 -1.84
C ILE C 73 -1.66 21.79 -0.33
N ARG C 74 -2.76 22.07 0.36
CA ARG C 74 -2.63 22.45 1.78
C ARG C 74 -2.17 21.21 2.56
N HIS C 75 -2.79 20.05 2.31
CA HIS C 75 -2.30 18.85 3.08
C HIS C 75 -0.79 18.56 2.79
N THR C 76 -0.36 18.75 1.57
CA THR C 76 1.03 18.48 1.21
C THR C 76 1.92 19.47 1.98
N GLN C 77 1.60 20.76 1.91
CA GLN C 77 2.41 21.72 2.64
C GLN C 77 2.51 21.38 4.16
N LYS C 78 1.40 20.99 4.75
CA LYS C 78 1.36 20.69 6.18
CA LYS C 78 1.37 20.70 6.18
C LYS C 78 2.10 19.38 6.51
N ILE C 79 1.83 18.35 5.74
CA ILE C 79 2.50 17.03 6.08
C ILE C 79 4.01 17.19 5.82
N THR C 80 4.38 17.97 4.80
CA THR C 80 5.78 18.08 4.43
C THR C 80 6.50 18.81 5.56
N GLN C 81 5.93 19.94 6.06
CA GLN C 81 6.56 20.73 7.11
C GLN C 81 6.64 19.86 8.36
N PHE C 82 5.58 19.07 8.61
CA PHE C 82 5.57 18.20 9.77
C PHE C 82 6.70 17.17 9.73
N CYS C 83 6.94 16.61 8.54
CA CYS C 83 8.03 15.58 8.44
C CYS C 83 9.36 16.29 8.57
N GLN C 84 9.48 17.52 8.00
CA GLN C 84 10.72 18.25 8.27
C GLN C 84 10.96 18.49 9.75
N ASP C 85 9.95 18.88 10.50
CA ASP C 85 10.08 19.24 11.94
C ASP C 85 10.32 18.00 12.80
N THR C 86 9.64 16.92 12.51
CA THR C 86 9.73 15.71 13.36
C THR C 86 10.80 14.69 12.93
N LEU C 87 10.99 14.49 11.63
CA LEU C 87 11.93 13.49 11.08
C LEU C 87 13.18 14.15 10.60
N LYS C 88 13.23 15.49 10.57
CA LYS C 88 14.39 16.20 10.02
C LYS C 88 14.68 15.92 8.55
N LEU C 89 13.64 15.62 7.76
CA LEU C 89 13.82 15.37 6.37
C LEU C 89 13.86 16.67 5.62
N PRO C 90 14.67 16.75 4.55
CA PRO C 90 14.58 17.87 3.61
C PRO C 90 13.20 17.92 3.00
N LYS C 91 12.86 19.12 2.55
CA LYS C 91 11.55 19.36 2.02
C LYS C 91 11.32 18.55 0.75
N ASP C 92 12.41 18.19 0.04
CA ASP C 92 12.29 17.40 -1.18
C ASP C 92 12.50 15.87 -1.01
N LYS C 93 12.32 15.41 0.19
CA LYS C 93 12.45 13.92 0.48
C LYS C 93 11.16 13.41 1.17
N VAL C 94 10.03 14.05 0.81
CA VAL C 94 8.70 13.67 1.31
C VAL C 94 7.76 13.46 0.12
N ILE C 95 7.45 12.20 -0.19
CA ILE C 95 6.71 11.89 -1.43
C ILE C 95 5.35 11.38 -1.00
N ILE C 96 4.30 12.02 -1.48
CA ILE C 96 2.89 11.68 -0.97
C ILE C 96 1.99 11.29 -2.11
N THR C 97 1.19 10.27 -1.93
CA THR C 97 0.17 9.92 -2.90
C THR C 97 -1.19 10.02 -2.19
N TYR C 98 -2.13 10.72 -2.82
CA TYR C 98 -3.52 10.78 -2.25
C TYR C 98 -4.49 9.85 -3.03
N PHE C 99 -5.44 9.20 -2.31
CA PHE C 99 -6.42 8.33 -2.94
C PHE C 99 -7.77 8.83 -2.36
N ASP C 100 -8.60 9.38 -3.26
CA ASP C 100 -9.95 9.87 -2.86
C ASP C 100 -10.94 8.76 -3.06
N LEU C 101 -11.48 8.26 -1.95
CA LEU C 101 -12.25 7.02 -1.96
C LEU C 101 -13.75 7.26 -1.97
N GLN C 102 -14.49 6.37 -2.61
CA GLN C 102 -15.98 6.40 -2.41
C GLN C 102 -16.38 5.61 -1.26
N PRO C 103 -17.57 5.92 -0.64
CA PRO C 103 -17.91 5.24 0.60
C PRO C 103 -18.30 3.81 0.36
N ILE C 104 -18.61 3.46 -0.89
CA ILE C 104 -18.77 2.06 -1.18
C ILE C 104 -17.49 1.22 -1.11
N HIS C 105 -16.38 1.92 -1.04
CA HIS C 105 -15.08 1.20 -1.05
C HIS C 105 -14.33 1.29 0.27
N VAL C 106 -15.05 1.56 1.36
CA VAL C 106 -14.49 1.59 2.69
C VAL C 106 -15.37 0.73 3.58
N GLY C 107 -14.74 -0.22 4.29
CA GLY C 107 -15.40 -0.97 5.33
C GLY C 107 -14.96 -0.55 6.71
N PHE C 108 -15.96 -0.39 7.58
CA PHE C 108 -15.73 0.04 8.98
C PHE C 108 -16.91 -0.43 9.81
N ASN C 109 -16.60 -0.93 10.99
CA ASN C 109 -17.67 -1.47 11.93
C ASN C 109 -18.54 -2.57 11.28
N GLY C 110 -17.98 -3.33 10.36
CA GLY C 110 -18.59 -4.53 9.79
C GLY C 110 -19.49 -4.30 8.59
N THR C 111 -19.56 -3.08 8.05
CA THR C 111 -20.19 -2.90 6.75
C THR C 111 -19.54 -1.70 6.05
N THR C 112 -20.04 -1.33 4.86
CA THR C 112 -19.38 -0.27 4.15
C THR C 112 -19.76 1.06 4.79
N VAL C 113 -19.00 2.10 4.53
CA VAL C 113 -19.42 3.46 4.94
C VAL C 113 -20.73 3.86 4.22
N ALA C 114 -20.88 3.48 2.97
CA ALA C 114 -22.03 3.90 2.15
C ALA C 114 -23.33 3.30 2.77
N ALA C 115 -23.19 2.08 3.32
CA ALA C 115 -24.29 1.31 3.89
C ALA C 115 -24.53 1.59 5.34
N ALA C 116 -23.77 2.50 5.94
CA ALA C 116 -23.85 2.58 7.38
C ALA C 116 -25.21 3.21 7.65
N1 FUN D . 8.78 15.37 -12.74
S1 FUN D . 7.37 15.00 -12.97
O1 FUN D . 7.24 14.14 -14.15
O2 FUN D . 6.44 16.20 -12.85
C1 FUN D . 6.90 14.01 -11.68
C2 FUN D . 7.01 14.44 -10.25
CL1 FUN D . 7.56 15.81 -9.80
C3 FUN D . 6.66 13.55 -9.21
C4 FUN D . 6.17 12.27 -9.53
N2 FUN D . 5.79 11.37 -8.51
C5 FUN D . 6.20 11.77 -7.14
C6 FUN D . 7.65 11.53 -6.87
C7 FUN D . 8.24 10.27 -6.90
C8 FUN D . 9.58 10.44 -6.61
C9 FUN D . 9.79 11.78 -6.40
O3 FUN D . 8.60 12.51 -6.59
C10 FUN D . 6.04 11.90 -10.92
C11 FUN D . 6.33 12.78 -12.02
C12 FUN D . 5.41 10.57 -11.25
O4 FUN D . 5.05 10.39 -12.43
O5 FUN D . 5.29 9.74 -10.35
N1 IMD E . 6.82 -13.98 9.81
C2 IMD E . 7.23 -14.46 8.61
N3 IMD E . 7.74 -13.33 8.07
C4 IMD E . 7.59 -12.27 8.91
C5 IMD E . 7.00 -12.71 10.05
ZN ZN F . 18.57 -5.22 4.51
ZN ZN G . 22.39 2.21 -12.54
C ACT H . 19.72 -3.75 2.74
O ACT H . 19.29 -4.98 2.78
OXT ACT H . 19.50 -2.89 3.59
CH3 ACT H . 20.43 -3.24 1.56
C ACT I . 4.34 -22.46 -11.38
O ACT I . 4.57 -22.59 -12.62
OXT ACT I . 3.20 -22.74 -10.94
CH3 ACT I . 5.37 -21.60 -10.42
N1 FUN J . -7.95 -15.37 -13.38
S1 FUN J . -8.51 -13.97 -13.52
O1 FUN J . -9.85 -13.94 -12.94
O2 FUN J . -8.42 -13.42 -14.86
C1 FUN J . -7.53 -13.00 -12.53
C2 FUN J . -6.03 -12.98 -12.73
CL1 FUN J . -5.28 -13.79 -13.78
C3 FUN J . -5.20 -12.20 -11.90
C4 FUN J . -5.75 -11.40 -10.90
N2 FUN J . -4.94 -10.62 -10.05
C5 FUN J . -3.46 -10.75 -10.03
C6 FUN J . -3.07 -11.99 -9.27
C7 FUN J . -3.38 -12.23 -7.98
C8 FUN J . -2.87 -13.46 -7.67
C9 FUN J . -2.30 -13.98 -8.78
O3 FUN J . -2.42 -13.05 -9.81
C10 FUN J . -7.23 -11.39 -10.75
C11 FUN J . -8.12 -12.19 -11.52
C12 FUN J . -7.83 -10.53 -9.71
O4 FUN J . -9.07 -10.42 -9.70
O5 FUN J . -7.11 -9.92 -8.91
N1 IMD K . 7.83 -0.36 16.66
C2 IMD K . 8.29 -0.97 15.54
N3 IMD K . 7.31 -1.85 15.21
C4 IMD K . 6.36 -1.72 16.12
C5 IMD K . 6.63 -0.78 17.05
N1 IMD L . -20.58 -8.71 -7.65
C2 IMD L . -21.71 -9.49 -7.75
N3 IMD L . -22.00 -9.49 -9.09
C4 IMD L . -21.11 -8.68 -9.76
C5 IMD L . -20.20 -8.18 -8.87
ZN ZN M . 5.94 -15.07 11.37
ZN ZN N . -8.96 -23.95 3.05
C ACT O . 6.98 2.53 18.65
O ACT O . 8.13 2.68 18.19
OXT ACT O . 6.41 1.46 18.88
CH3 ACT O . 6.27 3.84 19.13
C ACT P . 4.52 -16.96 10.10
O ACT P . 4.32 -16.20 11.10
OXT ACT P . 5.54 -16.96 9.36
CH3 ACT P . 3.48 -18.06 9.83
C ACT Q . -15.16 -0.05 20.55
O ACT Q . -16.25 -0.68 20.41
OXT ACT Q . -15.16 1.18 20.74
CH3 ACT Q . -13.76 -0.88 20.59
N1 FUN R . -17.44 8.93 9.67
S1 FUN R . -17.31 9.16 8.17
O1 FUN R . -16.90 10.53 7.79
O2 FUN R . -18.53 8.74 7.36
C1 FUN R . -16.01 8.17 7.77
C2 FUN R . -15.94 6.72 8.18
CL1 FUN R . -17.11 6.09 8.98
C3 FUN R . -14.81 5.93 7.82
C4 FUN R . -13.77 6.50 7.09
N2 FUN R . -12.64 5.77 6.76
C5 FUN R . -12.42 4.45 7.39
C6 FUN R . -11.97 4.56 8.84
C7 FUN R . -10.76 5.10 9.25
C8 FUN R . -10.66 4.97 10.64
C9 FUN R . -11.85 4.44 11.04
O3 FUN R . -12.67 4.15 9.91
C10 FUN R . -13.86 7.92 6.67
C11 FUN R . -14.94 8.74 7.01
C12 FUN R . -12.76 8.52 5.85
O4 FUN R . -12.91 9.67 5.38
O5 FUN R . -11.74 7.82 5.63
N1 IMD S . -27.78 3.99 8.69
C2 IMD S . -27.83 3.91 10.05
N3 IMD S . -29.00 3.34 10.43
C4 IMD S . -29.69 3.06 9.30
C5 IMD S . -28.93 3.47 8.27
N1 IMD T . 17.04 -4.18 5.42
C2 IMD T . 17.30 -2.85 5.53
N3 IMD T . 16.22 -2.35 6.20
C4 IMD T . 15.36 -3.36 6.50
C5 IMD T . 15.88 -4.50 6.00
ZN ZN U . 8.96 1.01 17.67
ZN ZN V . -12.33 20.21 0.31
C ACT W . -12.65 19.85 3.06
O ACT W . -11.62 20.31 2.62
OXT ACT W . -13.52 19.30 2.52
CH3 ACT W . -12.76 19.78 4.59
C ACT X . 17.79 18.02 -2.10
O ACT X . 17.66 17.29 -3.15
OXT ACT X . 17.61 19.26 -2.24
CH3 ACT X . 17.64 17.17 -0.71
#